data_7SJS
#
_entry.id   7SJS
#
_cell.length_a   54.925
_cell.length_b   63.710
_cell.length_c   121.982
_cell.angle_alpha   90.000
_cell.angle_beta   90.000
_cell.angle_gamma   90.000
#
_symmetry.space_group_name_H-M   'P 2 21 21'
#
loop_
_entity.id
_entity.type
_entity.pdbx_description
1 polymer 'CC40.8 Fab heavy chain'
2 polymer 'CC40.8 Fab light chain'
3 polymer "stem helix peptide of Spike protein S2'"
4 non-polymer 'ACETATE ION'
5 non-polymer 'SULFATE ION'
6 non-polymer GLYCEROL
7 water water
#
loop_
_entity_poly.entity_id
_entity_poly.type
_entity_poly.pdbx_seq_one_letter_code
_entity_poly.pdbx_strand_id
1 'polypeptide(L)'
;EVQLLESGGGLVQPGGSLRLSCAASGFTFSSYVMTWARQAPGKGLEWVSAISGTGYTYYADSVKGRFTVSRDNSKNTLFL
QMSSLRAEDTAVYYCAITMAPVVWGQGTTVTVSSASTKGPSVFPLAPSSKSTSGGTAALGCLVKDYFPEPVTVSWNSGAL
TSGVHTFPAVLQSSGLYSLSSVVTVPSSSLGTQTYICNVNHKPSNTKVDKRVEPKSC
;
H
2 'polypeptide(L)'
;SYELTQPPSVSVSPGQTARITCSGDALPKRYAYWYQQKSGQAPILVIYEDKKRPSGIPERLSGSKSGTVATLTISGAQVE
DEADYYCYSTDSSGNHAVFGGGTQLTVLGQPKAAPSVTLFPPSSEELQANKATLVCLISDFYPGAVTVAWKADSSPVKAG
VETTTPSKQSNNKYAASSYLSLTPEQWKSHKSYSCQVTHEGSTVEKTVAPTECS
;
L
3 'polypeptide(L)' PLQPELDSFKEELDKYFKNHTSPDV C
#
loop_
_chem_comp.id
_chem_comp.type
_chem_comp.name
_chem_comp.formula
ACT non-polymer 'ACETATE ION' 'C2 H3 O2 -1'
GOL non-polymer GLYCEROL 'C3 H8 O3'
SO4 non-polymer 'SULFATE ION' 'O4 S -2'
#
# COMPACT_ATOMS: atom_id res chain seq x y z
N GLU A 1 -8.60 -11.43 -22.10
CA GLU A 1 -8.20 -10.65 -20.93
C GLU A 1 -7.60 -11.55 -19.86
N VAL A 2 -6.35 -11.27 -19.49
CA VAL A 2 -5.68 -12.07 -18.47
C VAL A 2 -6.13 -11.58 -17.09
N GLN A 3 -6.58 -12.52 -16.25
CA GLN A 3 -7.03 -12.22 -14.91
C GLN A 3 -6.42 -13.20 -13.93
N LEU A 4 -5.96 -12.67 -12.79
CA LEU A 4 -5.48 -13.46 -11.66
C LEU A 4 -6.27 -13.05 -10.43
N LEU A 5 -7.15 -13.91 -9.97
CA LEU A 5 -8.04 -13.59 -8.85
C LEU A 5 -7.56 -14.33 -7.60
N GLU A 6 -7.09 -13.58 -6.60
CA GLU A 6 -6.54 -14.17 -5.40
C GLU A 6 -7.58 -14.27 -4.30
N SER A 7 -7.38 -15.26 -3.44
CA SER A 7 -8.24 -15.40 -2.27
C SER A 7 -7.49 -16.18 -1.20
N GLY A 8 -8.06 -16.21 -0.01
CA GLY A 8 -7.60 -17.06 1.06
C GLY A 8 -6.86 -16.34 2.17
N GLY A 9 -6.56 -15.06 2.00
CA GLY A 9 -5.87 -14.33 3.04
C GLY A 9 -6.76 -14.07 4.24
N GLY A 10 -6.13 -13.61 5.31
CA GLY A 10 -6.87 -13.28 6.50
C GLY A 10 -5.94 -13.28 7.70
N LEU A 11 -6.57 -13.19 8.86
CA LEU A 11 -5.86 -13.16 10.13
C LEU A 11 -5.73 -14.56 10.69
N VAL A 12 -4.52 -14.92 11.11
CA VAL A 12 -4.25 -16.26 11.59
C VAL A 12 -3.28 -16.16 12.77
N GLN A 13 -3.44 -17.05 13.75
CA GLN A 13 -2.52 -16.99 14.88
C GLN A 13 -1.18 -17.61 14.48
N PRO A 14 -0.09 -17.19 15.14
CA PRO A 14 1.20 -17.82 14.86
C PRO A 14 1.10 -19.34 15.05
N GLY A 15 1.79 -20.08 14.17
CA GLY A 15 1.67 -21.52 14.13
C GLY A 15 0.47 -22.03 13.37
N GLY A 16 -0.43 -21.15 12.95
CA GLY A 16 -1.58 -21.55 12.17
C GLY A 16 -1.23 -21.80 10.72
N SER A 17 -2.26 -22.03 9.93
CA SER A 17 -2.09 -22.39 8.54
C SER A 17 -3.13 -21.64 7.72
N LEU A 18 -2.79 -21.38 6.46
CA LEU A 18 -3.67 -20.67 5.56
C LEU A 18 -3.42 -21.24 4.16
N ARG A 19 -4.45 -21.27 3.34
CA ARG A 19 -4.27 -21.71 1.95
C ARG A 19 -4.66 -20.55 1.04
N LEU A 20 -3.67 -19.98 0.35
CA LEU A 20 -3.93 -18.95 -0.64
C LEU A 20 -4.22 -19.61 -1.98
N SER A 21 -5.06 -18.95 -2.76
CA SER A 21 -5.47 -19.44 -4.06
C SER A 21 -5.39 -18.30 -5.06
N CYS A 22 -5.10 -18.65 -6.30
CA CYS A 22 -4.98 -17.69 -7.40
C CYS A 22 -5.62 -18.35 -8.61
N ALA A 23 -6.84 -17.93 -8.93
CA ALA A 23 -7.60 -18.46 -10.06
C ALA A 23 -7.28 -17.64 -11.30
N ALA A 24 -6.77 -18.31 -12.34
CA ALA A 24 -6.27 -17.65 -13.52
C ALA A 24 -7.23 -17.83 -14.69
N SER A 25 -7.25 -16.82 -15.58
CA SER A 25 -7.97 -16.95 -16.84
C SER A 25 -7.31 -16.05 -17.88
N GLY A 26 -7.60 -16.34 -19.15
CA GLY A 26 -7.12 -15.50 -20.24
C GLY A 26 -5.83 -15.91 -20.90
N PHE A 27 -5.19 -16.99 -20.43
CA PHE A 27 -3.95 -17.49 -21.01
C PHE A 27 -3.88 -18.98 -20.76
N THR A 28 -2.98 -19.66 -21.46
CA THR A 28 -2.84 -21.11 -21.31
C THR A 28 -2.01 -21.38 -20.05
N PHE A 29 -2.73 -21.53 -18.94
CA PHE A 29 -2.14 -21.60 -17.60
C PHE A 29 -1.07 -22.69 -17.51
N SER A 30 -1.34 -23.88 -18.06
CA SER A 30 -0.40 -24.99 -17.95
C SER A 30 0.91 -24.74 -18.70
N SER A 31 0.97 -23.71 -19.55
CA SER A 31 2.20 -23.39 -20.29
C SER A 31 3.21 -22.56 -19.49
N TYR A 32 2.88 -22.12 -18.27
CA TYR A 32 3.70 -21.11 -17.61
C TYR A 32 4.01 -21.47 -16.16
N VAL A 33 5.26 -21.22 -15.77
CA VAL A 33 5.60 -21.05 -14.38
C VAL A 33 4.65 -20.03 -13.76
N MET A 34 4.24 -20.28 -12.53
CA MET A 34 3.53 -19.29 -11.74
C MET A 34 4.34 -18.98 -10.50
N THR A 35 4.29 -17.71 -10.05
CA THR A 35 5.16 -17.21 -9.00
C THR A 35 4.33 -16.58 -7.89
N TRP A 36 4.76 -16.81 -6.64
CA TRP A 36 4.26 -16.09 -5.48
C TRP A 36 5.33 -15.12 -5.00
N ALA A 37 4.91 -13.89 -4.70
CA ALA A 37 5.74 -12.87 -4.08
C ALA A 37 4.95 -12.21 -2.96
N ARG A 38 5.64 -11.48 -2.10
CA ARG A 38 4.92 -10.81 -1.01
C ARG A 38 5.59 -9.50 -0.67
N GLN A 39 4.83 -8.67 0.05
CA GLN A 39 5.32 -7.36 0.47
C GLN A 39 4.75 -7.07 1.86
N ALA A 40 5.64 -7.02 2.85
CA ALA A 40 5.23 -6.66 4.19
C ALA A 40 4.91 -5.18 4.26
N PRO A 41 4.08 -4.76 5.22
CA PRO A 41 3.75 -3.33 5.31
C PRO A 41 4.99 -2.45 5.40
N GLY A 42 5.11 -1.52 4.46
CA GLY A 42 6.21 -0.57 4.43
C GLY A 42 7.55 -1.11 4.00
N LYS A 43 7.62 -2.34 3.50
CA LYS A 43 8.89 -2.97 3.17
C LYS A 43 8.93 -3.30 1.68
N GLY A 44 10.00 -3.98 1.27
CA GLY A 44 10.23 -4.24 -0.13
C GLY A 44 9.55 -5.54 -0.62
N LEU A 45 9.60 -5.72 -1.95
CA LEU A 45 9.11 -6.96 -2.54
C LEU A 45 10.00 -8.14 -2.16
N GLU A 46 9.38 -9.30 -1.93
CA GLU A 46 10.13 -10.52 -1.62
C GLU A 46 9.61 -11.67 -2.45
N TRP A 47 10.53 -12.38 -3.11
CA TRP A 47 10.16 -13.60 -3.82
C TRP A 47 9.89 -14.72 -2.83
N VAL A 48 8.77 -15.42 -3.03
CA VAL A 48 8.33 -16.49 -2.11
C VAL A 48 8.51 -17.86 -2.73
N SER A 49 7.89 -18.10 -3.89
CA SER A 49 7.87 -19.46 -4.40
C SER A 49 7.54 -19.43 -5.89
N ALA A 50 7.86 -20.52 -6.59
CA ALA A 50 7.46 -20.64 -7.98
C ALA A 50 7.17 -22.10 -8.29
N ILE A 51 6.28 -22.34 -9.24
CA ILE A 51 5.99 -23.71 -9.68
C ILE A 51 5.88 -23.74 -11.20
N SER A 52 6.59 -24.68 -11.83
CA SER A 52 6.50 -24.77 -13.28
C SER A 52 5.18 -25.44 -13.70
N GLY A 53 4.87 -25.35 -15.00
CA GLY A 53 3.64 -25.94 -15.50
C GLY A 53 3.52 -27.42 -15.16
N THR A 54 4.63 -28.14 -15.23
CA THR A 54 4.64 -29.58 -14.94
C THR A 54 4.94 -29.90 -13.48
N GLY A 55 5.12 -28.90 -12.62
CA GLY A 55 5.13 -29.13 -11.20
C GLY A 55 6.47 -29.06 -10.49
N TYR A 56 7.54 -28.65 -11.17
CA TYR A 56 8.79 -28.39 -10.45
C TYR A 56 8.57 -27.22 -9.50
N THR A 57 9.10 -27.31 -8.27
CA THR A 57 8.81 -26.29 -7.27
C THR A 57 10.08 -25.67 -6.70
N TYR A 58 9.97 -24.38 -6.38
CA TYR A 58 11.09 -23.56 -5.91
C TYR A 58 10.60 -22.68 -4.78
N TYR A 59 11.48 -22.43 -3.80
CA TYR A 59 11.08 -21.77 -2.57
C TYR A 59 12.19 -20.85 -2.07
N ALA A 60 11.77 -19.68 -1.56
CA ALA A 60 12.69 -18.84 -0.81
C ALA A 60 13.14 -19.57 0.46
N ASP A 61 14.39 -19.34 0.84
CA ASP A 61 14.91 -19.96 2.07
C ASP A 61 14.08 -19.56 3.28
N SER A 62 13.48 -18.37 3.26
CA SER A 62 12.70 -17.91 4.40
C SER A 62 11.40 -18.67 4.59
N VAL A 63 10.94 -19.44 3.60
CA VAL A 63 9.69 -20.19 3.73
C VAL A 63 9.87 -21.69 3.49
N LYS A 64 11.05 -22.15 3.09
CA LYS A 64 11.23 -23.57 2.77
C LYS A 64 10.93 -24.43 3.99
N GLY A 65 10.22 -25.53 3.75
CA GLY A 65 9.80 -26.43 4.80
C GLY A 65 8.50 -26.06 5.48
N ARG A 66 8.06 -24.81 5.34
CA ARG A 66 6.81 -24.36 5.91
C ARG A 66 5.73 -24.12 4.88
N PHE A 67 6.09 -23.64 3.69
CA PHE A 67 5.13 -23.37 2.63
C PHE A 67 5.26 -24.44 1.55
N THR A 68 4.13 -24.78 0.94
CA THR A 68 4.08 -25.70 -0.19
C THR A 68 3.30 -25.04 -1.31
N VAL A 69 3.91 -24.93 -2.48
CA VAL A 69 3.23 -24.38 -3.64
C VAL A 69 2.68 -25.54 -4.47
N SER A 70 1.50 -25.33 -5.05
CA SER A 70 0.92 -26.38 -5.89
C SER A 70 0.04 -25.74 -6.94
N ARG A 71 -0.41 -26.56 -7.89
CA ARG A 71 -1.27 -26.03 -8.93
C ARG A 71 -2.19 -27.13 -9.44
N ASP A 72 -3.28 -26.68 -10.04
CA ASP A 72 -4.27 -27.56 -10.67
C ASP A 72 -4.46 -27.00 -12.07
N ASN A 73 -3.82 -27.62 -13.05
CA ASN A 73 -3.89 -27.09 -14.41
C ASN A 73 -5.29 -27.25 -14.99
N SER A 74 -6.03 -28.29 -14.58
CA SER A 74 -7.37 -28.48 -15.12
C SER A 74 -8.33 -27.40 -14.66
N LYS A 75 -8.08 -26.79 -13.49
CA LYS A 75 -8.91 -25.70 -12.99
C LYS A 75 -8.20 -24.35 -13.05
N ASN A 76 -7.05 -24.29 -13.72
CA ASN A 76 -6.29 -23.04 -13.88
C ASN A 76 -6.08 -22.34 -12.53
N THR A 77 -5.70 -23.10 -11.51
CA THR A 77 -5.58 -22.50 -10.18
C THR A 77 -4.20 -22.78 -9.59
N LEU A 78 -3.65 -21.77 -8.93
CA LEU A 78 -2.37 -21.84 -8.22
C LEU A 78 -2.65 -21.76 -6.72
N PHE A 79 -1.91 -22.51 -5.92
CA PHE A 79 -2.11 -22.51 -4.48
C PHE A 79 -0.80 -22.25 -3.76
N LEU A 80 -0.92 -21.65 -2.57
CA LEU A 80 0.17 -21.57 -1.61
C LEU A 80 -0.37 -22.03 -0.26
N GLN A 81 0.04 -23.22 0.18
CA GLN A 81 -0.31 -23.74 1.49
C GLN A 81 0.74 -23.25 2.48
N MET A 82 0.30 -22.46 3.45
CA MET A 82 1.19 -21.88 4.45
C MET A 82 0.94 -22.59 5.76
N SER A 83 2.02 -23.01 6.41
CA SER A 83 1.95 -23.65 7.70
C SER A 83 3.03 -23.05 8.59
N SER A 84 2.92 -23.32 9.89
CA SER A 84 3.88 -22.83 10.88
C SER A 84 4.10 -21.32 10.70
N LEU A 85 2.99 -20.60 10.58
CA LEU A 85 3.08 -19.18 10.26
C LEU A 85 3.73 -18.40 11.40
N ARG A 86 4.53 -17.40 11.02
CA ARG A 86 5.24 -16.53 11.94
C ARG A 86 4.80 -15.09 11.71
N ALA A 87 5.06 -14.23 12.69
CA ALA A 87 4.74 -12.81 12.56
C ALA A 87 5.33 -12.21 11.28
N GLU A 88 6.56 -12.61 10.94
CA GLU A 88 7.27 -12.07 9.77
C GLU A 88 6.68 -12.52 8.44
N ASP A 89 5.70 -13.42 8.45
CA ASP A 89 4.99 -13.76 7.22
C ASP A 89 3.86 -12.80 6.92
N THR A 90 3.59 -11.84 7.81
CA THR A 90 2.53 -10.86 7.56
C THR A 90 2.89 -10.05 6.33
N ALA A 91 1.97 -10.00 5.38
CA ALA A 91 2.27 -9.33 4.11
C ALA A 91 1.06 -9.39 3.20
N VAL A 92 1.10 -8.56 2.16
CA VAL A 92 0.23 -8.77 1.01
C VAL A 92 0.93 -9.76 0.09
N TYR A 93 0.22 -10.82 -0.30
CA TYR A 93 0.75 -11.90 -1.13
C TYR A 93 0.17 -11.76 -2.53
N TYR A 94 1.07 -11.81 -3.53
CA TYR A 94 0.74 -11.65 -4.94
C TYR A 94 1.08 -12.93 -5.70
N CYS A 95 0.20 -13.32 -6.60
CA CYS A 95 0.58 -14.30 -7.61
C CYS A 95 0.87 -13.57 -8.92
N ALA A 96 1.62 -14.24 -9.80
CA ALA A 96 2.09 -13.60 -11.02
C ALA A 96 2.55 -14.68 -12.00
N ILE A 97 2.64 -14.29 -13.27
CA ILE A 97 2.90 -15.23 -14.35
C ILE A 97 4.38 -15.22 -14.70
N THR A 98 4.91 -16.41 -15.02
CA THR A 98 6.29 -16.73 -15.39
C THR A 98 7.25 -16.62 -14.21
N MET A 99 8.50 -17.02 -14.43
CA MET A 99 9.49 -16.97 -13.35
C MET A 99 9.97 -15.56 -13.05
N ALA A 100 9.66 -14.60 -13.92
CA ALA A 100 9.89 -13.18 -13.68
C ALA A 100 8.52 -12.53 -13.76
N PRO A 101 7.85 -12.32 -12.62
CA PRO A 101 6.44 -11.89 -12.59
C PRO A 101 6.07 -10.82 -13.61
N VAL A 102 5.17 -11.11 -14.55
CA VAL A 102 4.87 -10.18 -15.64
C VAL A 102 3.51 -9.51 -15.47
N VAL A 103 2.52 -10.25 -15.00
CA VAL A 103 1.19 -9.75 -14.71
C VAL A 103 0.90 -10.19 -13.28
N TRP A 104 0.62 -9.24 -12.40
CA TRP A 104 0.48 -9.50 -10.98
C TRP A 104 -0.99 -9.50 -10.60
N GLY A 105 -1.35 -10.38 -9.67
CA GLY A 105 -2.65 -10.28 -9.03
C GLY A 105 -2.72 -9.02 -8.20
N GLN A 106 -3.93 -8.71 -7.71
CA GLN A 106 -4.07 -7.49 -6.92
C GLN A 106 -3.73 -7.70 -5.46
N GLY A 107 -3.48 -8.94 -5.05
CA GLY A 107 -2.98 -9.24 -3.73
C GLY A 107 -4.06 -9.76 -2.80
N THR A 108 -3.61 -10.46 -1.77
CA THR A 108 -4.47 -10.87 -0.66
C THR A 108 -3.65 -10.70 0.62
N THR A 109 -4.28 -10.15 1.66
CA THR A 109 -3.54 -9.74 2.87
C THR A 109 -3.55 -10.86 3.88
N VAL A 110 -2.37 -11.23 4.37
CA VAL A 110 -2.17 -12.22 5.41
C VAL A 110 -1.61 -11.51 6.64
N THR A 111 -2.27 -11.70 7.79
CA THR A 111 -1.83 -11.10 9.05
C THR A 111 -1.65 -12.21 10.07
N VAL A 112 -0.44 -12.35 10.60
CA VAL A 112 -0.14 -13.38 11.58
C VAL A 112 0.01 -12.69 12.93
N SER A 113 -0.92 -12.94 13.83
CA SER A 113 -0.87 -12.25 15.11
C SER A 113 -1.70 -13.04 16.10
N SER A 114 -1.37 -12.89 17.38
CA SER A 114 -2.13 -13.50 18.45
C SER A 114 -3.34 -12.67 18.87
N ALA A 115 -3.44 -11.43 18.41
CA ALA A 115 -4.55 -10.57 18.77
C ALA A 115 -5.78 -10.96 17.96
N SER A 116 -6.96 -10.91 18.59
CA SER A 116 -8.18 -11.25 17.90
CA SER A 116 -8.20 -11.24 17.92
C SER A 116 -8.65 -10.09 17.03
N THR A 117 -9.43 -10.42 16.01
CA THR A 117 -9.97 -9.36 15.16
C THR A 117 -10.91 -8.49 15.98
N LYS A 118 -10.91 -7.20 15.67
CA LYS A 118 -11.79 -6.23 16.31
C LYS A 118 -12.41 -5.39 15.19
N GLY A 119 -13.73 -5.42 15.10
CA GLY A 119 -14.42 -4.60 14.12
C GLY A 119 -14.48 -3.15 14.53
N PRO A 120 -14.55 -2.25 13.54
CA PRO A 120 -14.51 -0.82 13.85
C PRO A 120 -15.82 -0.31 14.43
N SER A 121 -15.70 0.80 15.13
CA SER A 121 -16.84 1.65 15.44
C SER A 121 -16.80 2.84 14.50
N VAL A 122 -17.91 3.15 13.86
CA VAL A 122 -17.94 4.18 12.83
C VAL A 122 -18.74 5.37 13.35
N PHE A 123 -18.13 6.55 13.33
CA PHE A 123 -18.74 7.74 13.85
C PHE A 123 -18.86 8.77 12.74
N PRO A 124 -20.00 9.43 12.63
CA PRO A 124 -20.13 10.52 11.65
C PRO A 124 -19.36 11.74 12.10
N LEU A 125 -18.78 12.44 11.13
CA LEU A 125 -18.05 13.70 11.34
C LEU A 125 -18.89 14.73 10.59
N ALA A 126 -19.78 15.39 11.32
CA ALA A 126 -20.78 16.24 10.69
C ALA A 126 -20.14 17.50 10.12
N PRO A 127 -20.70 18.04 9.03
CA PRO A 127 -20.16 19.24 8.38
C PRO A 127 -20.32 20.50 9.22
N GLY A 135 -17.80 28.29 0.03
CA GLY A 135 -18.32 27.56 -1.12
C GLY A 135 -18.40 26.05 -0.93
N THR A 136 -17.49 25.50 -0.15
CA THR A 136 -17.47 24.06 0.10
C THR A 136 -17.51 23.77 1.59
N ALA A 137 -17.86 22.53 1.90
CA ALA A 137 -17.89 22.05 3.27
C ALA A 137 -17.31 20.65 3.30
N ALA A 138 -16.78 20.26 4.45
CA ALA A 138 -16.21 18.93 4.62
C ALA A 138 -17.04 18.14 5.61
N LEU A 139 -17.32 16.89 5.28
CA LEU A 139 -17.91 15.96 6.23
C LEU A 139 -17.17 14.66 6.12
N GLY A 140 -17.36 13.76 7.08
CA GLY A 140 -16.55 12.56 7.03
C GLY A 140 -17.06 11.46 7.93
N CYS A 141 -16.25 10.42 8.01
CA CYS A 141 -16.51 9.29 8.88
C CYS A 141 -15.21 8.90 9.56
N LEU A 142 -15.31 8.67 10.86
CA LEU A 142 -14.22 8.16 11.69
C LEU A 142 -14.41 6.66 11.86
N VAL A 143 -13.47 5.87 11.34
CA VAL A 143 -13.49 4.42 11.44
C VAL A 143 -12.50 4.07 12.55
N LYS A 144 -13.01 3.79 13.74
CA LYS A 144 -12.24 3.82 14.98
C LYS A 144 -12.03 2.42 15.56
N ASP A 145 -10.81 2.15 16.02
CA ASP A 145 -10.50 1.00 16.89
C ASP A 145 -10.75 -0.35 16.22
N TYR A 146 -10.00 -0.63 15.17
CA TYR A 146 -10.18 -1.92 14.49
C TYR A 146 -8.84 -2.64 14.33
N PHE A 147 -8.94 -3.95 14.09
CA PHE A 147 -7.72 -4.72 13.88
C PHE A 147 -8.09 -5.98 13.10
N PRO A 148 -7.30 -6.41 12.11
CA PRO A 148 -6.11 -5.75 11.56
C PRO A 148 -6.46 -4.87 10.37
N GLU A 149 -5.46 -4.29 9.74
CA GLU A 149 -5.68 -3.65 8.45
C GLU A 149 -6.05 -4.71 7.42
N PRO A 150 -6.71 -4.32 6.32
CA PRO A 150 -7.17 -2.99 5.98
C PRO A 150 -8.65 -2.81 6.22
N VAL A 151 -9.15 -1.63 5.87
CA VAL A 151 -10.58 -1.38 5.86
C VAL A 151 -10.89 -0.59 4.59
N THR A 152 -12.10 -0.78 4.07
CA THR A 152 -12.58 -0.09 2.88
C THR A 152 -13.61 0.96 3.30
N VAL A 153 -13.52 2.16 2.73
CA VAL A 153 -14.56 3.18 2.88
C VAL A 153 -15.00 3.67 1.51
N SER A 154 -16.31 3.63 1.25
CA SER A 154 -16.92 4.24 0.09
C SER A 154 -17.97 5.23 0.56
N TRP A 155 -18.48 6.04 -0.37
CA TRP A 155 -19.52 7.01 -0.06
C TRP A 155 -20.69 6.84 -1.01
N ASN A 156 -21.90 6.84 -0.45
CA ASN A 156 -23.15 6.70 -1.20
C ASN A 156 -23.06 5.53 -2.19
N SER A 157 -22.56 4.41 -1.68
CA SER A 157 -22.48 3.14 -2.39
C SER A 157 -21.54 3.20 -3.59
N GLY A 158 -20.57 4.10 -3.57
CA GLY A 158 -19.65 4.28 -4.66
C GLY A 158 -20.04 5.34 -5.65
N ALA A 159 -21.23 5.93 -5.52
CA ALA A 159 -21.66 6.96 -6.44
C ALA A 159 -20.98 8.29 -6.19
N LEU A 160 -20.44 8.50 -4.99
CA LEU A 160 -19.76 9.73 -4.62
C LEU A 160 -18.27 9.44 -4.58
N THR A 161 -17.53 9.96 -5.56
CA THR A 161 -16.08 9.82 -5.61
C THR A 161 -15.36 11.15 -5.68
N SER A 162 -15.96 12.18 -6.28
CA SER A 162 -15.32 13.48 -6.33
C SER A 162 -15.25 14.08 -4.93
N GLY A 163 -14.09 14.62 -4.56
CA GLY A 163 -13.91 15.23 -3.27
C GLY A 163 -13.65 14.28 -2.13
N VAL A 164 -13.56 12.97 -2.40
CA VAL A 164 -13.35 11.96 -1.37
C VAL A 164 -11.86 11.77 -1.12
N HIS A 165 -11.45 11.83 0.15
CA HIS A 165 -10.08 11.49 0.55
C HIS A 165 -10.16 10.60 1.78
N THR A 166 -9.74 9.36 1.62
CA THR A 166 -9.65 8.41 2.73
C THR A 166 -8.18 8.34 3.14
N PHE A 167 -7.91 8.61 4.41
CA PHE A 167 -6.55 8.79 4.91
C PHE A 167 -5.97 7.47 5.40
N PRO A 168 -4.65 7.34 5.33
CA PRO A 168 -3.99 6.18 5.93
C PRO A 168 -4.27 6.13 7.43
N ALA A 169 -4.32 4.92 7.96
CA ALA A 169 -4.69 4.71 9.34
C ALA A 169 -3.56 5.09 10.27
N VAL A 170 -3.95 5.48 11.48
CA VAL A 170 -3.02 5.64 12.60
C VAL A 170 -3.00 4.33 13.36
N LEU A 171 -1.81 3.91 13.75
CA LEU A 171 -1.66 2.75 14.64
C LEU A 171 -1.58 3.29 16.06
N GLN A 172 -2.63 3.03 16.82
CA GLN A 172 -2.70 3.53 18.19
C GLN A 172 -1.76 2.75 19.10
N SER A 173 -1.44 3.36 20.24
CA SER A 173 -0.59 2.67 21.20
C SER A 173 -1.25 1.40 21.73
N SER A 174 -2.58 1.33 21.70
CA SER A 174 -3.33 0.12 22.03
C SER A 174 -3.07 -1.04 21.07
N GLY A 175 -2.49 -0.77 19.90
CA GLY A 175 -2.38 -1.78 18.87
C GLY A 175 -3.55 -1.85 17.92
N LEU A 176 -4.59 -1.06 18.17
CA LEU A 176 -5.71 -0.91 17.25
C LEU A 176 -5.44 0.22 16.27
N TYR A 177 -6.10 0.14 15.11
CA TYR A 177 -6.04 1.16 14.08
C TYR A 177 -7.28 2.04 14.10
N SER A 178 -7.11 3.27 13.61
CA SER A 178 -8.22 4.16 13.31
C SER A 178 -7.88 4.91 12.02
N LEU A 179 -8.90 5.18 11.20
CA LEU A 179 -8.68 6.05 10.05
C LEU A 179 -9.91 6.93 9.87
N SER A 180 -9.78 7.92 9.00
CA SER A 180 -10.88 8.82 8.67
C SER A 180 -10.98 8.95 7.17
N SER A 181 -12.22 9.12 6.70
CA SER A 181 -12.50 9.45 5.31
C SER A 181 -13.27 10.76 5.30
N VAL A 182 -12.86 11.72 4.48
CA VAL A 182 -13.51 13.02 4.41
C VAL A 182 -13.95 13.28 2.98
N VAL A 183 -15.10 13.92 2.80
CA VAL A 183 -15.59 14.33 1.49
CA VAL A 183 -15.54 14.35 1.49
C VAL A 183 -15.82 15.84 1.54
N THR A 184 -15.32 16.54 0.53
CA THR A 184 -15.60 17.95 0.34
C THR A 184 -16.78 18.04 -0.62
N VAL A 185 -17.80 18.78 -0.24
CA VAL A 185 -19.03 18.89 -1.04
C VAL A 185 -19.35 20.36 -1.19
N PRO A 186 -20.11 20.72 -2.22
CA PRO A 186 -20.67 22.07 -2.27
C PRO A 186 -21.50 22.35 -1.04
N SER A 187 -21.27 23.52 -0.42
CA SER A 187 -21.97 23.82 0.83
C SER A 187 -23.48 23.89 0.63
N SER A 188 -23.93 24.22 -0.59
CA SER A 188 -25.36 24.27 -0.86
C SER A 188 -26.01 22.89 -0.82
N SER A 189 -25.23 21.82 -0.95
CA SER A 189 -25.79 20.47 -0.97
CA SER A 189 -25.77 20.47 -0.96
C SER A 189 -26.05 19.92 0.44
N LEU A 190 -25.63 20.63 1.49
CA LEU A 190 -25.78 20.08 2.84
C LEU A 190 -27.24 19.92 3.26
N GLY A 191 -28.13 20.71 2.69
CA GLY A 191 -29.53 20.59 3.05
C GLY A 191 -30.33 19.77 2.06
N THR A 192 -29.74 19.47 0.90
CA THR A 192 -30.45 18.78 -0.16
C THR A 192 -29.98 17.37 -0.43
N GLN A 193 -28.76 17.01 -0.01
CA GLN A 193 -28.19 15.72 -0.37
C GLN A 193 -27.90 14.88 0.87
N THR A 194 -28.07 13.57 0.72
CA THR A 194 -27.80 12.61 1.78
C THR A 194 -26.41 12.03 1.58
N TYR A 195 -25.64 11.96 2.67
CA TYR A 195 -24.27 11.44 2.61
C TYR A 195 -24.16 10.27 3.57
N ILE A 196 -23.75 9.12 3.04
CA ILE A 196 -23.65 7.88 3.79
C ILE A 196 -22.27 7.32 3.53
N CYS A 197 -21.51 7.05 4.59
CA CYS A 197 -20.26 6.35 4.40
C CYS A 197 -20.47 4.86 4.61
N ASN A 198 -19.90 4.07 3.71
CA ASN A 198 -20.03 2.62 3.71
C ASN A 198 -18.68 2.06 4.09
N VAL A 199 -18.62 1.31 5.19
CA VAL A 199 -17.37 0.78 5.72
C VAL A 199 -17.42 -0.74 5.64
N ASN A 200 -16.34 -1.35 5.15
CA ASN A 200 -16.18 -2.80 5.12
C ASN A 200 -14.85 -3.16 5.75
N HIS A 201 -14.91 -3.84 6.90
CA HIS A 201 -13.72 -4.43 7.52
C HIS A 201 -13.86 -5.94 7.37
N LYS A 202 -13.17 -6.50 6.38
CA LYS A 202 -13.37 -7.91 6.05
C LYS A 202 -13.01 -8.88 7.16
N PRO A 203 -11.90 -8.72 7.90
CA PRO A 203 -11.54 -9.73 8.92
C PRO A 203 -12.60 -9.91 9.99
N SER A 204 -13.40 -8.89 10.27
CA SER A 204 -14.46 -8.99 11.26
C SER A 204 -15.84 -9.14 10.62
N ASN A 205 -15.89 -9.27 9.29
CA ASN A 205 -17.14 -9.29 8.53
C ASN A 205 -18.02 -8.10 8.91
N THR A 206 -17.40 -6.93 9.08
CA THR A 206 -18.14 -5.72 9.41
C THR A 206 -18.49 -4.98 8.12
N LYS A 207 -19.78 -4.78 7.88
CA LYS A 207 -20.25 -3.96 6.76
C LYS A 207 -21.29 -3.03 7.36
N VAL A 208 -20.93 -1.76 7.55
CA VAL A 208 -21.84 -0.82 8.19
C VAL A 208 -21.95 0.44 7.35
N ASP A 209 -23.14 1.02 7.35
CA ASP A 209 -23.37 2.32 6.73
C ASP A 209 -23.65 3.33 7.83
N LYS A 210 -23.11 4.53 7.69
CA LYS A 210 -23.32 5.58 8.68
C LYS A 210 -23.72 6.85 7.96
N ARG A 211 -24.93 7.34 8.25
CA ARG A 211 -25.39 8.59 7.68
C ARG A 211 -24.70 9.75 8.38
N VAL A 212 -24.27 10.74 7.59
CA VAL A 212 -23.57 11.90 8.11
C VAL A 212 -24.46 13.11 7.80
N GLU A 213 -25.07 13.67 8.83
CA GLU A 213 -25.98 14.79 8.69
C GLU A 213 -25.40 16.06 9.29
N PRO A 214 -25.78 17.23 8.79
CA PRO A 214 -25.37 18.48 9.44
C PRO A 214 -25.81 18.50 10.90
N LYS A 215 -24.96 19.06 11.75
CA LYS A 215 -25.22 19.04 13.18
C LYS A 215 -26.27 20.08 13.57
N SER B 1 21.90 -16.16 2.00
CA SER B 1 21.01 -15.99 0.86
C SER B 1 21.58 -14.99 -0.12
N TYR B 2 21.47 -15.30 -1.40
CA TYR B 2 21.91 -14.38 -2.45
C TYR B 2 21.12 -13.08 -2.35
N GLU B 3 21.82 -11.95 -2.45
CA GLU B 3 21.18 -10.65 -2.37
C GLU B 3 21.63 -9.76 -3.53
N LEU B 4 20.74 -8.86 -3.92
CA LEU B 4 20.99 -7.79 -4.89
C LEU B 4 21.05 -6.46 -4.14
N THR B 5 22.06 -5.64 -4.46
CA THR B 5 22.28 -4.39 -3.75
C THR B 5 21.90 -3.20 -4.63
N GLN B 6 20.95 -2.40 -4.17
CA GLN B 6 20.49 -1.15 -4.77
C GLN B 6 20.68 -0.02 -3.78
N PRO B 7 20.95 1.19 -4.25
CA PRO B 7 20.93 2.36 -3.36
C PRO B 7 19.50 2.61 -2.89
N PRO B 8 19.30 3.01 -1.64
CA PRO B 8 17.93 3.24 -1.18
C PRO B 8 17.25 4.42 -1.87
N SER B 9 18.03 5.41 -2.32
CA SER B 9 17.45 6.65 -2.81
C SER B 9 18.28 7.21 -3.96
N VAL B 10 17.59 7.69 -4.99
CA VAL B 10 18.20 8.43 -6.09
C VAL B 10 17.35 9.66 -6.36
N SER B 11 17.99 10.81 -6.59
CA SER B 11 17.30 12.02 -6.96
C SER B 11 17.73 12.48 -8.34
N VAL B 12 16.82 13.12 -9.06
CA VAL B 12 17.10 13.56 -10.43
C VAL B 12 16.36 14.87 -10.69
N SER B 13 17.00 15.77 -11.43
CA SER B 13 16.34 17.00 -11.88
C SER B 13 15.35 16.69 -13.00
N PRO B 14 14.27 17.45 -13.09
CA PRO B 14 13.34 17.25 -14.22
C PRO B 14 14.09 17.41 -15.54
N GLY B 15 13.84 16.48 -16.46
CA GLY B 15 14.50 16.50 -17.75
C GLY B 15 15.88 15.86 -17.77
N GLN B 16 16.39 15.43 -16.62
CA GLN B 16 17.71 14.82 -16.57
C GLN B 16 17.55 13.30 -16.43
N THR B 17 18.68 12.61 -16.32
CA THR B 17 18.71 11.15 -16.39
C THR B 17 19.02 10.56 -15.03
N ALA B 18 18.14 9.67 -14.57
CA ALA B 18 18.36 8.91 -13.35
C ALA B 18 18.98 7.57 -13.70
N ARG B 19 19.94 7.14 -12.90
CA ARG B 19 20.61 5.85 -13.09
C ARG B 19 20.54 5.11 -11.76
N ILE B 20 19.89 3.96 -11.78
CA ILE B 20 19.67 3.15 -10.59
C ILE B 20 20.44 1.86 -10.76
N THR B 21 21.39 1.61 -9.87
CA THR B 21 22.23 0.42 -10.00
C THR B 21 21.75 -0.71 -9.10
N CYS B 22 22.17 -1.92 -9.48
CA CYS B 22 21.77 -3.14 -8.81
C CYS B 22 22.93 -4.10 -8.97
N SER B 23 23.62 -4.43 -7.88
CA SER B 23 24.80 -5.26 -7.97
C SER B 23 24.56 -6.62 -7.34
N GLY B 24 25.13 -7.66 -7.96
CA GLY B 24 25.08 -9.02 -7.44
C GLY B 24 26.07 -9.94 -8.10
N ASP B 25 26.59 -10.92 -7.36
CA ASP B 25 27.68 -11.77 -7.86
C ASP B 25 27.27 -12.66 -9.04
N ALA B 26 25.98 -12.97 -9.18
CA ALA B 26 25.53 -13.85 -10.25
C ALA B 26 25.07 -13.10 -11.49
N LEU B 27 25.02 -11.76 -11.43
CA LEU B 27 24.55 -11.00 -12.57
C LEU B 27 25.33 -11.23 -13.86
N PRO B 28 26.64 -11.49 -13.86
CA PRO B 28 27.31 -11.76 -15.14
C PRO B 28 26.74 -12.97 -15.89
N LYS B 29 26.04 -13.88 -15.20
CA LYS B 29 25.47 -15.03 -15.87
C LYS B 29 23.95 -15.11 -15.78
N ARG B 30 23.30 -14.19 -15.06
CA ARG B 30 21.85 -14.22 -14.86
C ARG B 30 21.24 -12.92 -15.34
N TYR B 31 20.10 -13.04 -16.02
CA TYR B 31 19.36 -11.87 -16.48
C TYR B 31 18.90 -11.01 -15.30
N ALA B 32 18.91 -9.69 -15.50
CA ALA B 32 18.30 -8.75 -14.59
C ALA B 32 16.91 -8.35 -15.10
N TYR B 33 16.01 -8.05 -14.16
CA TYR B 33 14.66 -7.58 -14.45
C TYR B 33 14.37 -6.42 -13.54
N TRP B 34 13.55 -5.48 -14.00
CA TRP B 34 13.24 -4.27 -13.24
C TRP B 34 11.75 -4.04 -13.15
N TYR B 35 11.33 -3.63 -11.95
CA TYR B 35 9.94 -3.37 -11.59
C TYR B 35 9.79 -1.95 -11.09
N GLN B 36 8.67 -1.33 -11.44
CA GLN B 36 8.27 -0.02 -10.92
C GLN B 36 7.05 -0.20 -10.03
N GLN B 37 7.08 0.39 -8.84
CA GLN B 37 5.93 0.35 -7.94
C GLN B 37 5.63 1.75 -7.45
N LYS B 38 4.50 2.30 -7.87
CA LYS B 38 4.06 3.58 -7.35
C LYS B 38 3.26 3.36 -6.08
N SER B 39 3.17 4.42 -5.27
CA SER B 39 2.53 4.31 -3.97
C SER B 39 1.12 3.75 -4.09
N GLY B 40 0.84 2.72 -3.30
CA GLY B 40 -0.47 2.11 -3.28
C GLY B 40 -0.82 1.28 -4.48
N GLN B 41 0.14 0.91 -5.32
CA GLN B 41 -0.11 0.11 -6.50
C GLN B 41 0.71 -1.17 -6.46
N ALA B 42 0.26 -2.17 -7.23
CA ALA B 42 1.05 -3.37 -7.48
C ALA B 42 2.20 -3.05 -8.43
N PRO B 43 3.30 -3.82 -8.38
CA PRO B 43 4.44 -3.53 -9.24
C PRO B 43 4.13 -3.80 -10.71
N ILE B 44 4.88 -3.10 -11.58
CA ILE B 44 4.84 -3.29 -13.03
C ILE B 44 6.24 -3.65 -13.51
N LEU B 45 6.32 -4.64 -14.40
CA LEU B 45 7.60 -4.97 -15.03
C LEU B 45 7.93 -3.90 -16.06
N VAL B 46 9.11 -3.29 -15.95
CA VAL B 46 9.51 -2.26 -16.89
C VAL B 46 10.70 -2.68 -17.75
N ILE B 47 11.56 -3.58 -17.27
CA ILE B 47 12.65 -4.11 -18.10
C ILE B 47 12.78 -5.59 -17.83
N TYR B 48 12.99 -6.40 -18.88
CA TYR B 48 13.29 -7.80 -18.67
C TYR B 48 14.50 -8.21 -19.50
N GLU B 49 15.18 -9.25 -19.03
CA GLU B 49 16.36 -9.80 -19.72
C GLU B 49 17.38 -8.72 -20.01
N ASP B 50 17.74 -7.99 -18.94
CA ASP B 50 18.72 -6.92 -18.91
C ASP B 50 18.24 -5.65 -19.60
N LYS B 51 17.62 -5.77 -20.79
CA LYS B 51 17.43 -4.59 -21.63
C LYS B 51 16.15 -4.57 -22.44
N LYS B 52 15.28 -5.58 -22.36
CA LYS B 52 14.10 -5.61 -23.19
C LYS B 52 12.98 -4.81 -22.53
N ARG B 53 12.25 -4.06 -23.36
CA ARG B 53 11.20 -3.16 -22.91
C ARG B 53 9.84 -3.75 -23.28
N PRO B 54 8.99 -4.08 -22.31
CA PRO B 54 7.61 -4.47 -22.65
C PRO B 54 6.90 -3.37 -23.42
N SER B 55 6.05 -3.78 -24.35
CA SER B 55 5.25 -2.82 -25.09
C SER B 55 4.45 -1.95 -24.13
N GLY B 56 4.46 -0.65 -24.37
CA GLY B 56 3.77 0.30 -23.52
C GLY B 56 4.68 1.05 -22.57
N ILE B 57 5.79 0.43 -22.16
CA ILE B 57 6.75 1.12 -21.29
C ILE B 57 7.45 2.22 -22.09
N PRO B 58 7.61 3.42 -21.53
CA PRO B 58 8.22 4.52 -22.29
C PRO B 58 9.63 4.20 -22.74
N GLU B 59 9.95 4.66 -23.96
CA GLU B 59 11.30 4.54 -24.49
C GLU B 59 12.33 5.23 -23.63
N ARG B 60 11.92 6.19 -22.79
CA ARG B 60 12.84 6.86 -21.88
C ARG B 60 13.46 5.91 -20.86
N LEU B 61 12.83 4.76 -20.63
CA LEU B 61 13.32 3.76 -19.68
C LEU B 61 14.14 2.73 -20.44
N SER B 62 15.37 2.49 -19.99
CA SER B 62 16.22 1.50 -20.61
C SER B 62 16.98 0.76 -19.53
N GLY B 63 17.45 -0.43 -19.88
CA GLY B 63 18.22 -1.23 -18.96
C GLY B 63 19.52 -1.69 -19.61
N SER B 64 20.53 -1.86 -18.77
CA SER B 64 21.80 -2.37 -19.27
C SER B 64 22.46 -3.19 -18.18
N LYS B 65 23.44 -4.01 -18.57
CA LYS B 65 24.18 -4.76 -17.57
C LYS B 65 25.63 -4.88 -18.01
N SER B 66 26.54 -4.73 -17.04
CA SER B 66 27.97 -4.89 -17.26
C SER B 66 28.59 -5.46 -15.99
N GLY B 67 29.33 -6.55 -16.15
CA GLY B 67 29.94 -7.24 -15.02
C GLY B 67 28.86 -7.65 -14.02
N THR B 68 29.07 -7.25 -12.77
CA THR B 68 28.15 -7.58 -11.69
C THR B 68 27.16 -6.46 -11.41
N VAL B 69 26.96 -5.52 -12.35
CA VAL B 69 26.12 -4.34 -12.11
C VAL B 69 25.09 -4.22 -13.24
N ALA B 70 23.81 -4.25 -12.88
CA ALA B 70 22.74 -3.89 -13.80
C ALA B 70 22.30 -2.46 -13.47
N THR B 71 21.92 -1.71 -14.51
CA THR B 71 21.54 -0.31 -14.37
C THR B 71 20.22 -0.08 -15.08
N LEU B 72 19.28 0.54 -14.38
CA LEU B 72 18.06 1.06 -14.96
C LEU B 72 18.27 2.56 -15.18
N THR B 73 18.11 3.02 -16.41
CA THR B 73 18.30 4.40 -16.79
C THR B 73 16.97 4.99 -17.19
N ILE B 74 16.61 6.11 -16.58
CA ILE B 74 15.37 6.83 -16.88
C ILE B 74 15.78 8.20 -17.39
N SER B 75 15.69 8.43 -18.69
CA SER B 75 16.09 9.73 -19.20
C SER B 75 14.88 10.66 -19.29
N GLY B 76 15.16 11.96 -19.41
CA GLY B 76 14.10 12.96 -19.45
C GLY B 76 13.12 12.82 -18.30
N ALA B 77 13.64 12.75 -17.08
CA ALA B 77 12.81 12.38 -15.93
C ALA B 77 11.66 13.35 -15.74
N GLN B 78 10.49 12.80 -15.43
CA GLN B 78 9.31 13.59 -15.09
C GLN B 78 8.82 13.22 -13.69
N VAL B 79 8.06 14.12 -13.08
CA VAL B 79 7.51 13.87 -11.74
C VAL B 79 6.73 12.56 -11.70
N GLU B 80 6.07 12.20 -12.81
CA GLU B 80 5.32 10.94 -12.86
C GLU B 80 6.22 9.72 -12.66
N ASP B 81 7.53 9.86 -12.85
CA ASP B 81 8.45 8.73 -12.65
C ASP B 81 8.74 8.44 -11.19
N GLU B 82 8.35 9.30 -10.26
CA GLU B 82 8.55 9.01 -8.84
C GLU B 82 7.87 7.70 -8.46
N ALA B 83 8.64 6.80 -7.85
CA ALA B 83 8.20 5.43 -7.59
C ALA B 83 9.37 4.73 -6.89
N ASP B 84 9.10 3.52 -6.42
CA ASP B 84 10.15 2.63 -5.97
C ASP B 84 10.48 1.67 -7.11
N TYR B 85 11.77 1.52 -7.40
CA TYR B 85 12.22 0.63 -8.46
C TYR B 85 12.98 -0.53 -7.86
N TYR B 86 12.64 -1.74 -8.27
CA TYR B 86 13.24 -2.94 -7.72
C TYR B 86 13.89 -3.73 -8.85
N CYS B 87 15.13 -4.13 -8.63
CA CYS B 87 15.70 -5.11 -9.53
C CYS B 87 15.39 -6.51 -9.02
N TYR B 88 15.57 -7.48 -9.91
CA TYR B 88 15.14 -8.84 -9.66
C TYR B 88 16.00 -9.75 -10.50
N SER B 89 16.44 -10.86 -9.91
CA SER B 89 17.32 -11.76 -10.65
C SER B 89 17.34 -13.10 -9.93
N THR B 90 18.18 -14.01 -10.40
CA THR B 90 18.29 -15.33 -9.81
C THR B 90 19.73 -15.56 -9.33
N ASP B 91 19.89 -16.52 -8.42
CA ASP B 91 21.19 -16.74 -7.79
C ASP B 91 22.10 -17.58 -8.69
N SER B 92 23.34 -17.80 -8.23
CA SER B 92 24.30 -18.55 -9.04
C SER B 92 23.79 -19.95 -9.36
N SER B 93 23.10 -20.59 -8.41
CA SER B 93 22.57 -21.92 -8.66
C SER B 93 21.42 -21.90 -9.65
N GLY B 94 20.73 -20.77 -9.80
CA GLY B 94 19.58 -20.70 -10.68
C GLY B 94 18.29 -21.23 -10.08
N ASN B 95 18.27 -21.56 -8.79
CA ASN B 95 17.13 -22.19 -8.16
C ASN B 95 16.34 -21.26 -7.25
N HIS B 96 16.82 -20.02 -7.06
CA HIS B 96 16.09 -19.02 -6.28
C HIS B 96 16.10 -17.70 -7.02
N ALA B 97 15.01 -16.96 -6.89
CA ALA B 97 14.94 -15.57 -7.35
C ALA B 97 14.95 -14.64 -6.14
N VAL B 98 15.29 -13.38 -6.40
CA VAL B 98 15.39 -12.41 -5.32
C VAL B 98 15.17 -11.01 -5.88
N PHE B 99 14.52 -10.16 -5.10
CA PHE B 99 14.45 -8.73 -5.38
C PHE B 99 15.56 -7.99 -4.64
N GLY B 100 16.08 -6.94 -5.28
CA GLY B 100 16.84 -5.94 -4.56
C GLY B 100 15.97 -5.21 -3.55
N GLY B 101 16.64 -4.40 -2.70
CA GLY B 101 15.98 -3.69 -1.63
C GLY B 101 15.07 -2.56 -2.08
N GLY B 102 15.14 -2.18 -3.35
CA GLY B 102 14.35 -1.09 -3.90
C GLY B 102 15.04 0.25 -3.79
N THR B 103 14.82 1.09 -4.79
CA THR B 103 15.35 2.45 -4.85
C THR B 103 14.19 3.42 -5.00
N GLN B 104 14.06 4.37 -4.08
CA GLN B 104 13.03 5.39 -4.20
C GLN B 104 13.57 6.52 -5.07
N LEU B 105 12.86 6.83 -6.15
CA LEU B 105 13.27 7.90 -7.06
C LEU B 105 12.54 9.18 -6.69
N THR B 106 13.32 10.23 -6.40
CA THR B 106 12.81 11.57 -6.13
C THR B 106 13.11 12.46 -7.32
N VAL B 107 12.09 13.17 -7.82
CA VAL B 107 12.28 14.15 -8.88
C VAL B 107 12.31 15.52 -8.23
N LEU B 108 13.44 16.21 -8.40
CA LEU B 108 13.71 17.46 -7.73
C LEU B 108 12.91 18.60 -8.36
N GLY B 109 12.94 19.75 -7.69
CA GLY B 109 12.31 20.95 -8.23
C GLY B 109 10.82 21.07 -8.05
N GLN B 110 10.21 20.18 -7.30
CA GLN B 110 8.77 20.31 -7.18
C GLN B 110 8.44 21.43 -6.21
N PRO B 111 7.45 22.25 -6.53
CA PRO B 111 7.19 23.44 -5.71
C PRO B 111 6.61 23.09 -4.34
N LYS B 112 6.86 23.98 -3.38
CA LYS B 112 6.19 23.89 -2.08
C LYS B 112 4.68 23.90 -2.31
N ALA B 113 3.97 23.07 -1.55
CA ALA B 113 2.51 23.05 -1.56
C ALA B 113 2.05 23.05 -0.11
N ALA B 114 1.26 24.06 0.24
CA ALA B 114 0.82 24.20 1.62
C ALA B 114 -0.33 23.23 1.92
N PRO B 115 -0.43 22.75 3.15
CA PRO B 115 -1.45 21.75 3.47
C PRO B 115 -2.85 22.36 3.56
N SER B 116 -3.83 21.57 3.13
CA SER B 116 -5.22 21.84 3.43
C SER B 116 -5.57 21.09 4.70
N VAL B 117 -6.13 21.81 5.69
CA VAL B 117 -6.36 21.27 7.03
C VAL B 117 -7.85 21.30 7.34
N THR B 118 -8.38 20.18 7.85
CA THR B 118 -9.77 20.08 8.29
C THR B 118 -9.79 19.50 9.69
N LEU B 119 -10.50 20.13 10.62
CA LEU B 119 -10.59 19.64 11.99
C LEU B 119 -12.04 19.33 12.32
N PHE B 120 -12.28 18.12 12.88
CA PHE B 120 -13.61 17.72 13.32
C PHE B 120 -13.65 17.54 14.83
N PRO B 121 -14.75 17.97 15.46
CA PRO B 121 -14.97 17.73 16.89
C PRO B 121 -15.48 16.32 17.12
N PRO B 122 -15.59 15.87 18.38
CA PRO B 122 -16.20 14.56 18.66
C PRO B 122 -17.65 14.51 18.24
N SER B 123 -18.10 13.35 17.78
CA SER B 123 -19.49 13.13 17.46
C SER B 123 -20.30 12.89 18.73
N SER B 124 -21.60 13.19 18.65
N SER B 124 -21.60 13.20 18.65
CA SER B 124 -22.48 12.99 19.79
CA SER B 124 -22.49 12.98 19.79
C SER B 124 -22.54 11.52 20.18
C SER B 124 -22.54 11.52 20.19
N GLU B 125 -22.49 10.61 19.21
CA GLU B 125 -22.53 9.17 19.50
C GLU B 125 -21.30 8.73 20.27
N GLU B 126 -20.14 9.32 19.95
CA GLU B 126 -18.93 8.98 20.69
C GLU B 126 -18.99 9.53 22.11
N LEU B 127 -19.40 10.80 22.24
CA LEU B 127 -19.51 11.40 23.56
C LEU B 127 -20.48 10.63 24.44
N GLN B 128 -21.58 10.12 23.87
CA GLN B 128 -22.53 9.33 24.63
C GLN B 128 -21.89 8.07 25.19
N ALA B 129 -20.88 7.54 24.51
CA ALA B 129 -20.14 6.37 24.95
C ALA B 129 -18.97 6.71 25.86
N ASN B 130 -18.92 7.94 26.38
CA ASN B 130 -17.88 8.40 27.31
C ASN B 130 -16.50 8.49 26.67
N LYS B 131 -16.43 8.78 25.37
CA LYS B 131 -15.15 9.00 24.70
C LYS B 131 -15.21 10.29 23.90
N ALA B 132 -14.04 10.84 23.57
CA ALA B 132 -14.02 12.00 22.70
C ALA B 132 -12.75 11.98 21.86
N THR B 133 -12.89 12.08 20.55
CA THR B 133 -11.76 12.14 19.61
C THR B 133 -11.90 13.37 18.72
N LEU B 134 -10.85 14.19 18.66
CA LEU B 134 -10.76 15.25 17.66
C LEU B 134 -9.90 14.76 16.50
N VAL B 135 -10.31 15.10 15.28
CA VAL B 135 -9.68 14.54 14.08
C VAL B 135 -9.16 15.69 13.23
N CYS B 136 -7.83 15.75 13.06
CA CYS B 136 -7.20 16.78 12.23
C CYS B 136 -6.64 16.13 10.98
N LEU B 137 -7.15 16.49 9.82
CA LEU B 137 -6.78 15.90 8.54
C LEU B 137 -5.98 16.90 7.71
N ILE B 138 -4.84 16.46 7.19
CA ILE B 138 -3.84 17.36 6.62
C ILE B 138 -3.47 16.79 5.27
N SER B 139 -3.74 17.52 4.19
CA SER B 139 -3.60 16.90 2.88
C SER B 139 -2.94 17.83 1.86
N ASP B 140 -2.35 17.19 0.83
CA ASP B 140 -1.88 17.86 -0.39
CA ASP B 140 -1.90 17.88 -0.38
C ASP B 140 -0.71 18.80 -0.10
N PHE B 141 0.18 18.40 0.80
CA PHE B 141 1.33 19.24 1.09
C PHE B 141 2.61 18.64 0.50
N TYR B 142 3.58 19.51 0.28
CA TYR B 142 4.86 19.10 -0.29
C TYR B 142 5.90 20.16 0.08
N PRO B 143 7.09 19.76 0.54
CA PRO B 143 7.57 18.40 0.77
C PRO B 143 6.87 17.70 1.94
N GLY B 144 7.24 16.45 2.19
CA GLY B 144 6.48 15.59 3.08
C GLY B 144 6.93 15.61 4.52
N ALA B 145 6.83 16.78 5.13
CA ALA B 145 7.18 16.98 6.53
C ALA B 145 6.32 18.10 7.08
N VAL B 146 5.63 17.81 8.19
CA VAL B 146 4.80 18.78 8.88
C VAL B 146 4.99 18.56 10.37
N THR B 147 4.71 19.59 11.15
CA THR B 147 4.59 19.41 12.59
C THR B 147 3.18 19.78 13.02
N VAL B 148 2.66 19.07 14.00
CA VAL B 148 1.29 19.27 14.46
C VAL B 148 1.33 19.57 15.95
N ALA B 149 0.67 20.64 16.35
CA ALA B 149 0.56 21.04 17.74
C ALA B 149 -0.92 21.23 18.06
N TRP B 150 -1.34 20.74 19.21
CA TRP B 150 -2.72 20.90 19.64
C TRP B 150 -2.79 21.89 20.80
N LYS B 151 -3.86 22.69 20.82
CA LYS B 151 -4.10 23.64 21.90
C LYS B 151 -5.46 23.38 22.52
N ALA B 152 -5.52 23.49 23.85
CA ALA B 152 -6.76 23.52 24.62
C ALA B 152 -6.95 24.97 25.05
N ASP B 153 -7.99 25.62 24.53
CA ASP B 153 -8.03 27.07 24.49
C ASP B 153 -6.74 27.57 23.85
N SER B 154 -5.84 28.20 24.62
CA SER B 154 -4.54 28.61 24.10
C SER B 154 -3.39 27.83 24.72
N SER B 155 -3.66 26.78 25.49
CA SER B 155 -2.59 26.10 26.19
C SER B 155 -2.16 24.85 25.45
N PRO B 156 -0.86 24.56 25.38
CA PRO B 156 -0.41 23.37 24.66
C PRO B 156 -0.92 22.08 25.28
N VAL B 157 -1.32 21.15 24.43
CA VAL B 157 -1.77 19.82 24.83
C VAL B 157 -0.59 18.88 24.72
N LYS B 158 -0.26 18.20 25.82
CA LYS B 158 0.94 17.39 25.87
C LYS B 158 0.67 15.89 25.83
N ALA B 159 -0.59 15.46 26.04
CA ALA B 159 -0.95 14.06 26.08
C ALA B 159 -2.16 13.81 25.20
N GLY B 160 -2.29 12.57 24.75
CA GLY B 160 -3.46 12.14 23.99
C GLY B 160 -3.37 12.31 22.49
N VAL B 161 -2.21 12.70 21.95
CA VAL B 161 -2.04 13.00 20.53
C VAL B 161 -1.38 11.82 19.84
N GLU B 162 -1.97 11.37 18.75
CA GLU B 162 -1.31 10.41 17.88
C GLU B 162 -1.36 10.93 16.45
N THR B 163 -0.19 11.07 15.83
CA THR B 163 -0.06 11.65 14.51
C THR B 163 0.60 10.64 13.58
N THR B 164 0.07 10.50 12.38
CA THR B 164 0.66 9.57 11.43
C THR B 164 1.92 10.17 10.80
N THR B 165 2.74 9.29 10.26
N THR B 165 2.76 9.27 10.27
CA THR B 165 3.83 9.77 9.41
CA THR B 165 3.82 9.70 9.37
C THR B 165 3.27 10.14 8.04
C THR B 165 3.21 10.18 8.06
N PRO B 166 3.80 11.20 7.43
CA PRO B 166 3.29 11.61 6.11
C PRO B 166 3.42 10.48 5.10
N SER B 167 2.41 10.33 4.27
CA SER B 167 2.37 9.29 3.25
C SER B 167 2.16 9.93 1.89
N LYS B 168 2.89 9.42 0.90
CA LYS B 168 2.81 10.00 -0.44
C LYS B 168 1.49 9.63 -1.10
N GLN B 169 0.77 10.63 -1.56
CA GLN B 169 -0.45 10.44 -2.33
C GLN B 169 -0.09 10.07 -3.78
N SER B 170 -1.11 9.64 -4.52
CA SER B 170 -0.90 9.32 -5.93
C SER B 170 -0.48 10.54 -6.74
N ASN B 171 -0.79 11.74 -6.29
CA ASN B 171 -0.42 12.96 -7.00
C ASN B 171 0.92 13.52 -6.54
N ASN B 172 1.73 12.70 -5.85
CA ASN B 172 3.09 12.99 -5.41
C ASN B 172 3.14 13.96 -4.24
N LYS B 173 2.00 14.49 -3.80
CA LYS B 173 1.99 15.25 -2.55
C LYS B 173 1.76 14.29 -1.38
N TYR B 174 1.63 14.85 -0.17
CA TYR B 174 1.61 14.05 1.04
C TYR B 174 0.36 14.32 1.86
N ALA B 175 0.00 13.32 2.67
CA ALA B 175 -1.13 13.43 3.59
C ALA B 175 -0.71 12.89 4.95
N ALA B 176 -1.36 13.43 6.00
CA ALA B 176 -1.17 12.94 7.35
C ALA B 176 -2.43 13.27 8.14
N SER B 177 -2.55 12.62 9.30
CA SER B 177 -3.67 12.90 10.18
C SER B 177 -3.18 12.88 11.61
N SER B 178 -3.87 13.60 12.48
CA SER B 178 -3.52 13.68 13.88
C SER B 178 -4.81 13.55 14.66
N TYR B 179 -4.79 12.71 15.67
CA TYR B 179 -5.95 12.40 16.50
C TYR B 179 -5.65 12.86 17.93
N LEU B 180 -6.60 13.57 18.54
CA LEU B 180 -6.47 13.95 19.94
C LEU B 180 -7.55 13.23 20.73
N SER B 181 -7.15 12.39 21.69
CA SER B 181 -8.10 11.74 22.58
C SER B 181 -8.29 12.56 23.84
N LEU B 182 -9.55 12.79 24.18
CA LEU B 182 -9.96 13.54 25.36
C LEU B 182 -11.06 12.78 26.09
N THR B 183 -11.22 13.13 27.39
CA THR B 183 -12.45 12.74 28.05
C THR B 183 -13.56 13.69 27.61
N PRO B 184 -14.81 13.24 27.65
CA PRO B 184 -15.91 14.17 27.38
C PRO B 184 -15.85 15.42 28.23
N GLU B 185 -15.42 15.29 29.50
CA GLU B 185 -15.37 16.45 30.38
C GLU B 185 -14.31 17.46 29.92
N GLN B 186 -13.14 16.98 29.48
CA GLN B 186 -12.14 17.88 28.93
C GLN B 186 -12.68 18.62 27.71
N TRP B 187 -13.37 17.91 26.82
CA TRP B 187 -13.96 18.56 25.65
C TRP B 187 -14.97 19.62 26.06
N LYS B 188 -15.84 19.31 27.01
CA LYS B 188 -16.93 20.20 27.38
C LYS B 188 -16.43 21.42 28.14
N SER B 189 -15.36 21.28 28.90
CA SER B 189 -14.99 22.31 29.86
C SER B 189 -13.98 23.32 29.32
N HIS B 190 -13.57 23.20 28.06
CA HIS B 190 -12.75 24.21 27.42
C HIS B 190 -13.58 25.01 26.42
N LYS B 191 -13.16 26.25 26.16
CA LYS B 191 -13.89 27.06 25.18
C LYS B 191 -13.69 26.52 23.78
N SER B 192 -12.51 25.99 23.47
CA SER B 192 -12.22 25.45 22.15
C SER B 192 -10.96 24.61 22.22
N TYR B 193 -10.77 23.82 21.16
CA TYR B 193 -9.52 23.13 20.90
C TYR B 193 -9.07 23.49 19.49
N SER B 194 -7.76 23.57 19.28
CA SER B 194 -7.23 23.83 17.96
C SER B 194 -6.15 22.84 17.58
N CYS B 195 -6.09 22.59 16.28
CA CYS B 195 -5.02 21.86 15.63
C CYS B 195 -4.23 22.86 14.81
N GLN B 196 -2.93 22.93 15.05
CA GLN B 196 -2.05 23.90 14.41
C GLN B 196 -1.01 23.11 13.62
N VAL B 197 -0.96 23.36 12.33
CA VAL B 197 -0.12 22.59 11.41
C VAL B 197 0.92 23.52 10.83
N THR B 198 2.19 23.21 11.03
CA THR B 198 3.28 24.03 10.53
C THR B 198 4.00 23.28 9.41
N HIS B 199 4.22 23.99 8.31
CA HIS B 199 4.81 23.40 7.12
C HIS B 199 5.61 24.51 6.43
N GLU B 200 6.91 24.27 6.24
CA GLU B 200 7.79 25.25 5.59
C GLU B 200 7.69 26.62 6.26
N GLY B 201 7.61 26.61 7.60
CA GLY B 201 7.53 27.82 8.39
C GLY B 201 6.16 28.42 8.53
N SER B 202 5.16 27.94 7.79
CA SER B 202 3.84 28.54 7.73
C SER B 202 2.93 27.76 8.67
N THR B 203 2.19 28.45 9.54
CA THR B 203 1.27 27.77 10.45
C THR B 203 -0.18 28.04 10.07
N VAL B 204 -0.95 26.97 9.91
CA VAL B 204 -2.40 27.01 9.68
C VAL B 204 -3.06 26.47 10.94
N GLU B 205 -4.11 27.12 11.39
CA GLU B 205 -4.79 26.71 12.60
C GLU B 205 -6.27 26.50 12.31
N LYS B 206 -6.82 25.37 12.76
CA LYS B 206 -8.26 25.17 12.74
C LYS B 206 -8.72 24.98 14.16
N THR B 207 -9.93 25.48 14.46
CA THR B 207 -10.44 25.49 15.82
C THR B 207 -11.87 24.96 15.83
N VAL B 208 -12.21 24.17 16.85
CA VAL B 208 -13.56 23.69 17.06
C VAL B 208 -13.94 23.91 18.52
N ALA B 209 -15.25 23.97 18.76
CA ALA B 209 -15.79 24.28 20.08
C ALA B 209 -17.00 23.41 20.36
N PRO B 210 -17.27 23.11 21.63
CA PRO B 210 -18.42 22.26 21.95
C PRO B 210 -19.72 22.96 21.56
N THR B 211 -20.66 22.18 21.04
CA THR B 211 -21.96 22.72 20.61
C THR B 211 -23.01 21.61 20.57
N PRO C 1 15.87 -37.71 -8.85
CA PRO C 1 16.73 -36.82 -9.64
C PRO C 1 16.59 -35.35 -9.23
N LEU C 2 17.54 -34.54 -9.66
CA LEU C 2 17.51 -33.10 -9.40
C LEU C 2 16.54 -32.40 -10.34
N GLN C 3 15.89 -31.36 -9.83
CA GLN C 3 15.08 -30.51 -10.70
C GLN C 3 16.00 -29.66 -11.58
N PRO C 4 15.52 -29.24 -12.75
CA PRO C 4 16.22 -28.20 -13.50
C PRO C 4 16.16 -26.87 -12.74
N GLU C 5 16.95 -25.92 -13.23
CA GLU C 5 16.99 -24.60 -12.60
C GLU C 5 15.71 -23.83 -12.90
N LEU C 6 15.32 -22.99 -11.94
CA LEU C 6 14.24 -22.04 -12.21
C LEU C 6 14.54 -21.21 -13.47
N ASP C 7 15.80 -20.83 -13.67
CA ASP C 7 16.15 -20.04 -14.83
CA ASP C 7 16.18 -20.05 -14.83
C ASP C 7 15.95 -20.78 -16.15
N SER C 8 15.83 -22.10 -16.12
CA SER C 8 15.55 -22.83 -17.35
C SER C 8 14.14 -22.57 -17.88
N PHE C 9 13.32 -21.77 -17.19
CA PHE C 9 12.02 -21.37 -17.71
C PHE C 9 11.98 -19.92 -18.18
N LYS C 10 13.14 -19.24 -18.20
CA LYS C 10 13.16 -17.82 -18.49
C LYS C 10 12.52 -17.47 -19.84
N GLU C 11 12.66 -18.35 -20.83
CA GLU C 11 12.13 -17.99 -22.15
C GLU C 11 10.60 -17.93 -22.19
N GLU C 12 9.90 -18.43 -21.16
CA GLU C 12 8.45 -18.26 -21.16
C GLU C 12 8.05 -16.80 -21.20
N LEU C 13 8.87 -15.90 -20.63
CA LEU C 13 8.49 -14.50 -20.67
C LEU C 13 8.37 -14.04 -22.13
N ASP C 14 9.34 -14.42 -22.96
CA ASP C 14 9.25 -14.01 -24.35
C ASP C 14 8.03 -14.65 -25.00
N LYS C 15 7.77 -15.92 -24.68
CA LYS C 15 6.58 -16.56 -25.20
C LYS C 15 5.34 -15.78 -24.79
N TYR C 16 5.30 -15.34 -23.54
CA TYR C 16 4.12 -14.63 -23.05
C TYR C 16 3.87 -13.39 -23.89
N PHE C 17 4.94 -12.63 -24.16
CA PHE C 17 4.74 -11.38 -24.86
C PHE C 17 4.41 -11.61 -26.33
N LYS C 18 4.69 -12.82 -26.83
CA LYS C 18 4.20 -13.21 -28.16
C LYS C 18 2.69 -13.10 -28.23
N ASN C 19 2.00 -13.54 -27.19
CA ASN C 19 0.58 -13.80 -27.24
C ASN C 19 -0.25 -12.78 -26.47
N HIS C 20 0.38 -11.98 -25.62
CA HIS C 20 -0.34 -11.11 -24.69
C HIS C 20 0.40 -9.79 -24.55
N THR C 21 -0.34 -8.75 -24.19
CA THR C 21 0.27 -7.44 -23.95
C THR C 21 0.63 -7.29 -22.48
N SER C 22 1.23 -6.14 -22.15
CA SER C 22 1.79 -5.90 -20.83
C SER C 22 0.70 -5.49 -19.83
C ACT D . -7.86 7.16 18.05
O ACT D . -7.80 7.74 19.17
OXT ACT D . -7.03 7.15 17.10
CH3 ACT D . -9.08 6.32 17.81
S SO4 E . -33.41 9.07 2.91
O1 SO4 E . -33.32 9.63 4.26
O2 SO4 E . -34.71 9.45 2.32
O3 SO4 E . -32.30 9.58 2.10
O4 SO4 E . -33.35 7.61 2.98
S SO4 F . -7.43 -8.09 1.06
O1 SO4 F . -8.22 -7.30 2.00
O2 SO4 F . -6.18 -7.40 0.76
O3 SO4 F . -8.19 -8.28 -0.18
O4 SO4 F . -7.14 -9.42 1.62
C1 GOL G . 24.63 -17.24 -4.37
O1 GOL G . 24.41 -17.05 -5.73
C2 GOL G . 23.91 -18.56 -3.99
O2 GOL G . 24.33 -19.00 -2.73
C3 GOL G . 24.27 -19.55 -5.13
O3 GOL G . 23.10 -20.21 -5.48
S SO4 H . -4.11 -10.21 -23.65
O1 SO4 H . -5.45 -9.70 -23.35
O2 SO4 H . -3.21 -9.83 -22.57
O3 SO4 H . -3.62 -9.66 -24.91
O4 SO4 H . -4.17 -11.67 -23.76
S SO4 I . -0.77 -18.65 -24.53
O1 SO4 I . -1.37 -18.13 -23.29
O2 SO4 I . -0.95 -17.60 -25.52
O3 SO4 I . -1.45 -19.85 -24.99
O4 SO4 I . 0.64 -18.95 -24.34
S SO4 J . 23.72 -22.55 -16.34
O1 SO4 J . 22.47 -21.84 -16.64
O2 SO4 J . 24.04 -22.40 -14.91
O3 SO4 J . 24.81 -22.02 -17.14
O4 SO4 J . 23.55 -23.98 -16.64
#